data_5W33
#
_entry.id   5W33
#
_cell.length_a   117.495
_cell.length_b   117.495
_cell.length_c   87.089
_cell.angle_alpha   90.00
_cell.angle_beta   90.00
_cell.angle_gamma   90.00
#
_symmetry.space_group_name_H-M   'P 4 2 2'
#
loop_
_entity.id
_entity.type
_entity.pdbx_description
1 polymer 'DNA primase'
2 non-polymer 'SULFATE ION'
3 water water
#
_entity_poly.entity_id   1
_entity_poly.type   'polypeptide(L)'
_entity_poly.pdbx_seq_one_letter_code
;GPHMGSRSRLLAANAAAAAFYAQALQSDEAAPARQYLTERSFDAAAARKFGCGFAPSGWDSLTKHLQRKGFEFEELEAAG
LSRQGRHGPMDRFHRRLLWPIRTSAGEVVGFGARRLFDDDAMEAKYVNTPETLLYKKSSVMFGIDLAKRDIAKGHQAVVV
EGYTDVMAMHLAGVTTAVASCGTAFGGEHLAMLRRLMMDDSFFRGELIYVFDGDEAGRAAALKAFDGEQKLAGQSFVAVA
PDGMDPCDLRLKCGDAALRDLVARRTPLFEFAIRAAIAEMDLDSAEGRVAALRRCVPMVGQIKDPTLRDEYARQLAGWVG
WADVA
;
_entity_poly.pdbx_strand_id   A
#
loop_
_chem_comp.id
_chem_comp.type
_chem_comp.name
_chem_comp.formula
SO4 non-polymer 'SULFATE ION' 'O4 S -2'
#
# COMPACT_ATOMS: atom_id res chain seq x y z
N MET A 4 -8.63 -16.64 -25.66
CA MET A 4 -9.78 -17.06 -24.81
C MET A 4 -9.30 -17.51 -23.42
N GLY A 5 -9.52 -16.65 -22.42
CA GLY A 5 -8.92 -16.83 -21.09
C GLY A 5 -7.45 -16.43 -21.04
N SER A 6 -6.99 -15.66 -22.02
CA SER A 6 -5.59 -15.22 -22.11
C SER A 6 -5.32 -14.06 -21.14
N ARG A 7 -4.05 -13.67 -21.04
CA ARG A 7 -3.64 -12.54 -20.20
C ARG A 7 -4.37 -11.25 -20.56
N SER A 8 -4.38 -10.91 -21.85
CA SER A 8 -5.04 -9.68 -22.33
C SER A 8 -6.55 -9.68 -22.13
N ARG A 9 -7.16 -10.87 -22.16
CA ARG A 9 -8.60 -11.01 -21.92
C ARG A 9 -8.94 -10.83 -20.43
N LEU A 10 -8.18 -11.47 -19.56
CA LEU A 10 -8.27 -11.26 -18.10
C LEU A 10 -8.07 -9.79 -17.70
N LEU A 11 -7.15 -9.11 -18.38
CA LEU A 11 -6.94 -7.66 -18.19
C LEU A 11 -8.15 -6.84 -18.63
N ALA A 12 -8.75 -7.21 -19.77
CA ALA A 12 -9.94 -6.53 -20.29
C ALA A 12 -11.15 -6.65 -19.37
N ALA A 13 -11.30 -7.81 -18.72
CA ALA A 13 -12.34 -8.01 -17.71
C ALA A 13 -12.18 -7.10 -16.50
N ASN A 14 -10.95 -7.02 -15.99
CA ASN A 14 -10.61 -6.12 -14.87
C ASN A 14 -10.86 -4.65 -15.19
N ALA A 15 -10.50 -4.23 -16.41
CA ALA A 15 -10.72 -2.85 -16.86
C ALA A 15 -12.22 -2.55 -16.98
N ALA A 16 -12.98 -3.51 -17.49
CA ALA A 16 -14.45 -3.41 -17.52
C ALA A 16 -15.06 -3.37 -16.12
N ALA A 17 -14.52 -4.21 -15.23
CA ALA A 17 -14.93 -4.23 -13.81
C ALA A 17 -14.64 -2.92 -13.09
N ALA A 18 -13.46 -2.35 -13.35
CA ALA A 18 -13.09 -1.04 -12.81
C ALA A 18 -14.05 0.06 -13.25
N ALA A 19 -14.47 0.01 -14.52
CA ALA A 19 -15.43 0.97 -15.07
C ALA A 19 -16.82 0.78 -14.43
N PHE A 20 -17.27 -0.47 -14.37
CA PHE A 20 -18.55 -0.82 -13.76
C PHE A 20 -18.64 -0.35 -12.30
N TYR A 21 -17.61 -0.69 -11.53
CA TYR A 21 -17.55 -0.31 -10.11
C TYR A 21 -17.44 1.20 -9.89
N ALA A 22 -16.66 1.88 -10.75
CA ALA A 22 -16.54 3.35 -10.70
C ALA A 22 -17.87 4.05 -10.94
N GLN A 23 -18.65 3.56 -11.89
CA GLN A 23 -19.99 4.09 -12.15
C GLN A 23 -20.93 3.85 -10.97
N ALA A 24 -20.89 2.64 -10.42
CA ALA A 24 -21.73 2.25 -9.27
C ALA A 24 -21.52 3.09 -8.01
N LEU A 25 -20.36 3.75 -7.89
CA LEU A 25 -20.10 4.69 -6.79
C LEU A 25 -21.08 5.87 -6.75
N GLN A 26 -21.65 6.25 -7.90
CA GLN A 26 -22.66 7.31 -7.96
C GLN A 26 -24.10 6.86 -7.73
N SER A 27 -24.32 5.57 -7.45
CA SER A 27 -25.65 5.05 -7.12
C SER A 27 -26.09 5.51 -5.73
N ASP A 28 -27.39 5.42 -5.46
CA ASP A 28 -27.96 5.85 -4.17
C ASP A 28 -27.48 4.98 -2.99
N GLU A 29 -27.38 3.67 -3.21
CA GLU A 29 -26.88 2.75 -2.18
C GLU A 29 -25.38 2.91 -1.87
N ALA A 30 -24.63 3.54 -2.78
CA ALA A 30 -23.21 3.82 -2.58
C ALA A 30 -22.92 5.13 -1.81
N ALA A 31 -23.94 5.76 -1.24
CA ALA A 31 -23.77 6.98 -0.44
C ALA A 31 -22.85 6.81 0.78
N PRO A 32 -22.98 5.68 1.53
CA PRO A 32 -22.00 5.44 2.62
C PRO A 32 -20.55 5.25 2.17
N ALA A 33 -20.33 4.78 0.94
CA ALA A 33 -19.00 4.72 0.34
C ALA A 33 -18.49 6.13 0.00
N ARG A 34 -19.34 6.93 -0.62
CA ARG A 34 -19.04 8.36 -0.87
C ARG A 34 -18.83 9.14 0.42
N GLN A 35 -19.59 8.79 1.47
CA GLN A 35 -19.45 9.39 2.79
C GLN A 35 -18.04 9.12 3.34
N TYR A 36 -17.66 7.84 3.34
CA TYR A 36 -16.31 7.44 3.77
C TYR A 36 -15.22 8.34 3.16
N LEU A 37 -15.32 8.61 1.86
CA LEU A 37 -14.34 9.41 1.14
C LEU A 37 -14.38 10.89 1.53
N THR A 38 -15.58 11.48 1.50
CA THR A 38 -15.76 12.89 1.84
C THR A 38 -15.53 13.17 3.32
N GLU A 39 -15.81 12.19 4.18
CA GLU A 39 -15.61 12.32 5.62
C GLU A 39 -14.12 12.44 5.99
N ARG A 40 -13.25 11.87 5.16
CA ARG A 40 -11.79 12.10 5.25
C ARG A 40 -11.24 12.86 4.05
N SER A 41 -12.04 13.84 3.60
CA SER A 41 -11.62 14.92 2.69
C SER A 41 -11.12 14.52 1.29
N PHE A 42 -11.65 13.42 0.74
CA PHE A 42 -11.40 13.05 -0.65
C PHE A 42 -12.64 13.40 -1.50
N ASP A 43 -12.50 14.42 -2.35
CA ASP A 43 -13.59 14.90 -3.20
C ASP A 43 -13.86 13.97 -4.40
N ALA A 44 -14.87 14.33 -5.20
CA ALA A 44 -15.25 13.55 -6.38
C ALA A 44 -14.12 13.42 -7.42
N ALA A 45 -13.34 14.49 -7.59
CA ALA A 45 -12.20 14.49 -8.52
C ALA A 45 -11.07 13.59 -8.05
N ALA A 46 -10.84 13.54 -6.74
CA ALA A 46 -9.84 12.64 -6.13
C ALA A 46 -10.23 11.19 -6.33
N ALA A 47 -11.48 10.85 -5.98
CA ALA A 47 -12.04 9.52 -6.21
C ALA A 47 -11.93 9.06 -7.67
N ARG A 48 -12.06 10.01 -8.59
CA ARG A 48 -11.91 9.76 -10.03
C ARG A 48 -10.47 9.45 -10.42
N LYS A 49 -9.51 10.15 -9.81
CA LYS A 49 -8.08 9.95 -10.09
C LYS A 49 -7.59 8.54 -9.77
N PHE A 50 -7.97 8.04 -8.59
CA PHE A 50 -7.56 6.69 -8.13
C PHE A 50 -8.53 5.58 -8.57
N GLY A 51 -9.62 5.95 -9.23
CA GLY A 51 -10.53 4.98 -9.83
C GLY A 51 -11.45 4.29 -8.84
N CYS A 52 -11.76 4.97 -7.73
CA CYS A 52 -12.57 4.40 -6.66
C CYS A 52 -13.95 3.97 -7.15
N GLY A 53 -14.47 2.90 -6.57
CA GLY A 53 -15.75 2.33 -6.97
C GLY A 53 -16.49 1.67 -5.82
N PHE A 54 -17.72 1.23 -6.10
CA PHE A 54 -18.57 0.57 -5.12
C PHE A 54 -19.06 -0.75 -5.68
N ALA A 55 -18.86 -1.83 -4.94
CA ALA A 55 -19.39 -3.14 -5.29
C ALA A 55 -20.85 -3.22 -4.84
N PRO A 56 -21.80 -3.28 -5.80
CA PRO A 56 -23.22 -3.19 -5.43
C PRO A 56 -23.79 -4.41 -4.70
N SER A 57 -25.01 -4.26 -4.18
CA SER A 57 -25.68 -5.29 -3.38
C SER A 57 -26.22 -6.47 -4.19
N GLY A 58 -26.29 -6.34 -5.51
CA GLY A 58 -26.60 -7.47 -6.39
C GLY A 58 -25.51 -8.53 -6.29
N TRP A 59 -25.89 -9.75 -5.93
CA TRP A 59 -24.94 -10.85 -5.70
C TRP A 59 -24.13 -11.23 -6.94
N ASP A 60 -24.68 -11.00 -8.13
CA ASP A 60 -24.00 -11.35 -9.39
C ASP A 60 -24.08 -10.23 -10.45
N SER A 61 -24.11 -8.98 -10.00
CA SER A 61 -24.36 -7.84 -10.88
C SER A 61 -23.18 -7.53 -11.81
N LEU A 62 -21.95 -7.57 -11.28
CA LEU A 62 -20.75 -7.52 -12.13
C LEU A 62 -20.70 -8.69 -13.09
N THR A 63 -20.92 -9.90 -12.58
CA THR A 63 -20.82 -11.13 -13.38
C THR A 63 -21.77 -11.08 -14.57
N LYS A 64 -23.04 -10.79 -14.32
CA LYS A 64 -24.03 -10.63 -15.40
C LYS A 64 -23.66 -9.50 -16.37
N HIS A 65 -23.16 -8.39 -15.83
CA HIS A 65 -22.73 -7.25 -16.65
C HIS A 65 -21.58 -7.61 -17.60
N LEU A 66 -20.58 -8.31 -17.07
CA LEU A 66 -19.44 -8.76 -17.89
C LEU A 66 -19.82 -9.93 -18.80
N GLN A 67 -20.70 -10.82 -18.33
CA GLN A 67 -21.25 -11.90 -19.17
C GLN A 67 -22.03 -11.39 -20.38
N ARG A 68 -22.76 -10.29 -20.20
CA ARG A 68 -23.48 -9.65 -21.32
C ARG A 68 -22.55 -8.94 -22.31
N LYS A 69 -21.31 -8.66 -21.89
CA LYS A 69 -20.24 -8.17 -22.79
C LYS A 69 -19.35 -9.29 -23.37
N GLY A 70 -19.73 -10.55 -23.17
CA GLY A 70 -19.07 -11.70 -23.81
C GLY A 70 -18.00 -12.43 -23.00
N PHE A 71 -17.79 -12.03 -21.75
CA PHE A 71 -16.81 -12.71 -20.88
C PHE A 71 -17.41 -13.99 -20.30
N GLU A 72 -16.66 -15.09 -20.40
CA GLU A 72 -17.11 -16.38 -19.85
C GLU A 72 -16.87 -16.38 -18.34
N PHE A 73 -17.66 -17.17 -17.61
CA PHE A 73 -17.46 -17.32 -16.16
C PHE A 73 -16.07 -17.88 -15.81
N GLU A 74 -15.57 -18.80 -16.64
CA GLU A 74 -14.24 -19.38 -16.45
C GLU A 74 -13.13 -18.31 -16.47
N GLU A 75 -13.31 -17.30 -17.31
CA GLU A 75 -12.39 -16.17 -17.41
C GLU A 75 -12.50 -15.25 -16.19
N LEU A 76 -13.74 -15.00 -15.76
CA LEU A 76 -13.99 -14.13 -14.60
C LEU A 76 -13.51 -14.75 -13.28
N GLU A 77 -13.54 -16.08 -13.19
CA GLU A 77 -12.96 -16.79 -12.05
C GLU A 77 -11.43 -16.73 -12.07
N ALA A 78 -10.86 -16.86 -13.26
CA ALA A 78 -9.40 -16.71 -13.46
C ALA A 78 -8.92 -15.29 -13.16
N ALA A 79 -9.74 -14.28 -13.45
CA ALA A 79 -9.41 -12.87 -13.18
C ALA A 79 -9.60 -12.45 -11.72
N GLY A 80 -10.21 -13.30 -10.88
CA GLY A 80 -10.49 -12.98 -9.49
C GLY A 80 -11.67 -12.04 -9.30
N LEU A 81 -12.58 -12.02 -10.27
CA LEU A 81 -13.76 -11.14 -10.24
C LEU A 81 -15.02 -11.89 -9.78
N SER A 82 -15.16 -13.14 -10.22
CA SER A 82 -16.34 -13.95 -9.94
C SER A 82 -15.95 -15.28 -9.31
N ARG A 83 -16.95 -15.96 -8.76
CA ARG A 83 -16.77 -17.28 -8.16
C ARG A 83 -18.11 -18.03 -8.07
N GLN A 84 -18.03 -19.34 -7.89
CA GLN A 84 -19.21 -20.20 -7.85
C GLN A 84 -19.96 -20.03 -6.53
N GLY A 85 -21.24 -19.64 -6.64
CA GLY A 85 -22.17 -19.64 -5.51
C GLY A 85 -23.17 -20.77 -5.66
N ARG A 86 -24.13 -20.86 -4.75
CA ARG A 86 -25.15 -21.91 -4.79
C ARG A 86 -26.07 -21.80 -6.02
N HIS A 87 -26.48 -20.57 -6.34
CA HIS A 87 -27.35 -20.31 -7.50
C HIS A 87 -26.62 -20.03 -8.81
N GLY A 88 -25.31 -20.30 -8.86
CA GLY A 88 -24.51 -20.13 -10.08
C GLY A 88 -23.38 -19.14 -9.90
N PRO A 89 -22.88 -18.56 -11.01
CA PRO A 89 -21.85 -17.51 -10.96
C PRO A 89 -22.25 -16.31 -10.10
N MET A 90 -21.35 -15.86 -9.22
CA MET A 90 -21.59 -14.67 -8.42
C MET A 90 -20.33 -13.83 -8.25
N ASP A 91 -20.52 -12.58 -7.82
CA ASP A 91 -19.43 -11.63 -7.63
C ASP A 91 -18.56 -11.99 -6.43
N ARG A 92 -17.28 -11.65 -6.51
CA ARG A 92 -16.37 -11.78 -5.38
C ARG A 92 -16.64 -10.71 -4.34
N PHE A 93 -16.72 -9.45 -4.78
CA PHE A 93 -16.89 -8.30 -3.89
C PHE A 93 -18.35 -7.91 -3.76
N HIS A 94 -18.72 -7.44 -2.57
CA HIS A 94 -20.11 -7.23 -2.19
C HIS A 94 -20.28 -6.12 -1.13
N ARG A 95 -20.92 -5.02 -1.53
CA ARG A 95 -21.28 -3.91 -0.62
C ARG A 95 -20.07 -3.32 0.10
N ARG A 96 -19.05 -2.96 -0.68
CA ARG A 96 -17.78 -2.45 -0.16
C ARG A 96 -17.20 -1.36 -1.07
N LEU A 97 -16.46 -0.44 -0.45
CA LEU A 97 -15.71 0.59 -1.20
C LEU A 97 -14.48 -0.07 -1.81
N LEU A 98 -14.32 0.06 -3.12
CA LEU A 98 -13.23 -0.60 -3.86
C LEU A 98 -12.19 0.39 -4.36
N TRP A 99 -10.93 -0.04 -4.31
CA TRP A 99 -9.83 0.63 -4.98
C TRP A 99 -9.23 -0.32 -5.99
N PRO A 100 -9.18 0.06 -7.28
CA PRO A 100 -8.48 -0.79 -8.24
C PRO A 100 -6.97 -0.72 -8.02
N ILE A 101 -6.34 -1.88 -8.12
CA ILE A 101 -4.91 -2.03 -7.90
C ILE A 101 -4.26 -2.22 -9.26
N ARG A 102 -3.44 -1.24 -9.67
CA ARG A 102 -2.89 -1.19 -11.02
C ARG A 102 -1.37 -1.41 -11.03
N THR A 103 -0.88 -1.94 -12.15
CA THR A 103 0.56 -2.09 -12.37
C THR A 103 1.17 -0.73 -12.74
N SER A 104 2.50 -0.68 -12.82
CA SER A 104 3.22 0.54 -13.19
C SER A 104 2.74 1.16 -14.51
N ALA A 105 2.43 0.32 -15.49
CA ALA A 105 1.83 0.76 -16.77
C ALA A 105 0.44 1.39 -16.59
N GLY A 106 -0.31 0.91 -15.60
CA GLY A 106 -1.68 1.37 -15.32
C GLY A 106 -2.76 0.34 -15.61
N GLU A 107 -2.37 -0.94 -15.73
CA GLU A 107 -3.30 -2.01 -16.03
C GLU A 107 -3.90 -2.54 -14.72
N VAL A 108 -5.23 -2.61 -14.65
CA VAL A 108 -5.92 -3.08 -13.45
C VAL A 108 -5.75 -4.59 -13.35
N VAL A 109 -5.17 -5.06 -12.24
CA VAL A 109 -4.94 -6.50 -11.99
C VAL A 109 -5.75 -7.08 -10.82
N GLY A 110 -6.41 -6.22 -10.05
CA GLY A 110 -7.17 -6.66 -8.87
C GLY A 110 -7.79 -5.49 -8.14
N PHE A 111 -8.31 -5.74 -6.93
CA PHE A 111 -9.04 -4.73 -6.16
C PHE A 111 -8.79 -4.87 -4.66
N GLY A 112 -8.78 -3.74 -3.97
CA GLY A 112 -8.84 -3.68 -2.51
C GLY A 112 -10.25 -3.27 -2.12
N ALA A 113 -10.85 -3.98 -1.16
CA ALA A 113 -12.25 -3.78 -0.78
C ALA A 113 -12.38 -3.52 0.72
N ARG A 114 -12.89 -2.34 1.09
CA ARG A 114 -13.05 -1.98 2.50
C ARG A 114 -14.50 -2.13 2.98
N ARG A 115 -14.64 -2.59 4.23
CA ARG A 115 -15.95 -2.81 4.84
C ARG A 115 -16.68 -1.49 5.12
N LEU A 116 -17.99 -1.46 4.80
CA LEU A 116 -18.84 -0.28 5.04
C LEU A 116 -20.03 -0.52 5.97
N PHE A 117 -20.62 -1.73 5.94
CA PHE A 117 -21.87 -2.02 6.66
C PHE A 117 -21.67 -3.05 7.75
N ASP A 118 -22.38 -2.87 8.87
CA ASP A 118 -22.28 -3.77 10.04
C ASP A 118 -22.87 -5.16 9.77
N ASP A 119 -23.82 -5.26 8.84
CA ASP A 119 -24.41 -6.56 8.44
C ASP A 119 -23.69 -7.24 7.24
N ASP A 120 -22.45 -6.83 6.95
CA ASP A 120 -21.61 -7.52 5.97
C ASP A 120 -21.22 -8.89 6.54
N ALA A 121 -21.39 -9.94 5.74
CA ALA A 121 -21.05 -11.31 6.15
C ALA A 121 -19.55 -11.49 6.36
N MET A 122 -18.75 -10.80 5.55
CA MET A 122 -17.29 -10.80 5.71
C MET A 122 -16.91 -9.87 6.85
N GLU A 123 -16.37 -10.45 7.93
CA GLU A 123 -15.99 -9.70 9.13
C GLU A 123 -14.76 -8.81 8.90
N ALA A 124 -13.82 -9.28 8.09
CA ALA A 124 -12.54 -8.59 7.86
C ALA A 124 -12.72 -7.16 7.37
N LYS A 125 -11.83 -6.28 7.80
CA LYS A 125 -11.91 -4.85 7.50
C LYS A 125 -11.58 -4.55 6.05
N TYR A 126 -10.49 -5.15 5.57
CA TYR A 126 -10.08 -5.08 4.18
C TYR A 126 -10.10 -6.46 3.54
N VAL A 127 -10.39 -6.50 2.24
CA VAL A 127 -10.45 -7.73 1.46
C VAL A 127 -9.81 -7.47 0.09
N ASN A 128 -9.19 -8.50 -0.48
CA ASN A 128 -8.44 -8.37 -1.72
C ASN A 128 -8.83 -9.39 -2.79
N THR A 129 -8.33 -9.15 -3.99
CA THR A 129 -8.35 -10.12 -5.07
C THR A 129 -7.42 -11.27 -4.67
N PRO A 130 -7.80 -12.53 -4.97
CA PRO A 130 -6.91 -13.67 -4.68
C PRO A 130 -5.75 -13.77 -5.66
N GLU A 131 -4.91 -14.80 -5.48
CA GLU A 131 -3.77 -15.04 -6.35
C GLU A 131 -4.25 -15.50 -7.72
N THR A 132 -3.97 -14.70 -8.74
CA THR A 132 -4.30 -15.01 -10.13
C THR A 132 -3.04 -14.91 -10.98
N LEU A 133 -3.18 -15.13 -12.29
CA LEU A 133 -2.11 -14.86 -13.24
C LEU A 133 -1.63 -13.41 -13.15
N LEU A 134 -2.56 -12.48 -12.97
CA LEU A 134 -2.27 -11.04 -12.96
C LEU A 134 -1.94 -10.48 -11.58
N TYR A 135 -2.61 -10.99 -10.54
CA TYR A 135 -2.46 -10.47 -9.18
C TYR A 135 -1.49 -11.31 -8.35
N LYS A 136 -0.42 -10.67 -7.88
CA LYS A 136 0.56 -11.30 -6.98
C LYS A 136 0.73 -10.42 -5.74
N LYS A 137 0.10 -10.87 -4.64
CA LYS A 137 0.20 -10.21 -3.32
C LYS A 137 1.58 -9.62 -3.00
N SER A 138 2.62 -10.42 -3.23
CA SER A 138 3.99 -10.07 -2.86
C SER A 138 4.63 -8.95 -3.70
N SER A 139 4.20 -8.77 -4.95
CA SER A 139 4.73 -7.73 -5.84
C SER A 139 3.80 -6.55 -6.12
N VAL A 140 2.52 -6.68 -5.76
CA VAL A 140 1.50 -5.64 -6.05
C VAL A 140 1.65 -4.44 -5.11
N MET A 141 1.43 -3.25 -5.66
CA MET A 141 1.52 -1.99 -4.90
C MET A 141 0.48 -0.99 -5.37
N PHE A 142 -0.31 -0.46 -4.43
CA PHE A 142 -1.29 0.57 -4.74
C PHE A 142 -0.60 1.92 -4.84
N GLY A 143 -0.92 2.67 -5.90
CA GLY A 143 -0.31 3.97 -6.17
C GLY A 143 0.86 3.96 -7.14
N ILE A 144 1.42 2.77 -7.42
CA ILE A 144 2.63 2.66 -8.26
C ILE A 144 2.45 3.24 -9.67
N ASP A 145 1.26 3.12 -10.24
CA ASP A 145 0.95 3.72 -11.54
C ASP A 145 1.12 5.24 -11.54
N LEU A 146 0.65 5.90 -10.49
CA LEU A 146 0.70 7.36 -10.37
C LEU A 146 2.07 7.87 -9.92
N ALA A 147 2.83 7.03 -9.22
CA ALA A 147 4.16 7.38 -8.70
C ALA A 147 5.33 6.96 -9.59
N LYS A 148 5.14 5.94 -10.43
CA LYS A 148 6.11 5.45 -11.41
C LYS A 148 7.13 6.50 -11.88
N ARG A 149 6.62 7.59 -12.45
CA ARG A 149 7.45 8.63 -13.07
C ARG A 149 8.23 9.45 -12.04
N ASP A 150 7.57 9.88 -10.98
CA ASP A 150 8.18 10.78 -9.98
C ASP A 150 9.21 10.13 -9.07
N ILE A 151 9.15 8.80 -8.87
CA ILE A 151 10.20 8.11 -8.10
C ILE A 151 11.46 7.90 -8.95
N ALA A 152 11.26 7.63 -10.25
CA ALA A 152 12.36 7.47 -11.20
C ALA A 152 13.10 8.80 -11.42
N LYS A 153 12.34 9.89 -11.49
CA LYS A 153 12.91 11.22 -11.73
C LYS A 153 13.54 11.79 -10.44
N GLY A 154 12.80 11.67 -9.32
CA GLY A 154 13.26 12.17 -8.03
C GLY A 154 14.17 11.26 -7.21
N HIS A 155 14.36 10.00 -7.65
CA HIS A 155 15.18 9.00 -6.94
C HIS A 155 14.77 8.84 -5.48
N GLN A 156 13.46 8.70 -5.27
CA GLN A 156 12.89 8.64 -3.92
C GLN A 156 11.50 8.00 -3.94
N ALA A 157 11.29 7.03 -3.06
CA ALA A 157 10.00 6.35 -2.90
C ALA A 157 9.55 6.46 -1.44
N VAL A 158 8.29 6.81 -1.25
CA VAL A 158 7.69 6.90 0.09
C VAL A 158 6.71 5.75 0.26
N VAL A 159 6.92 4.91 1.28
CA VAL A 159 6.05 3.76 1.54
C VAL A 159 5.15 4.06 2.73
N VAL A 160 3.84 3.97 2.49
CA VAL A 160 2.80 4.15 3.52
C VAL A 160 2.05 2.84 3.66
N GLU A 161 1.13 2.76 4.62
CA GLU A 161 0.47 1.50 4.94
C GLU A 161 -0.82 1.31 4.15
N GLY A 162 -1.74 2.26 4.26
CA GLY A 162 -3.10 2.14 3.72
C GLY A 162 -3.35 2.75 2.36
N TYR A 163 -4.54 2.48 1.82
CA TYR A 163 -5.00 3.05 0.54
C TYR A 163 -5.21 4.54 0.68
N THR A 164 -5.90 4.95 1.75
CA THR A 164 -6.19 6.36 2.01
C THR A 164 -4.92 7.17 2.33
N ASP A 165 -3.91 6.52 2.91
CA ASP A 165 -2.62 7.15 3.16
C ASP A 165 -1.89 7.54 1.87
N VAL A 166 -2.00 6.68 0.84
CA VAL A 166 -1.45 6.99 -0.48
C VAL A 166 -2.22 8.15 -1.12
N MET A 167 -3.55 8.10 -1.04
CA MET A 167 -4.40 9.16 -1.59
C MET A 167 -4.10 10.51 -0.96
N ALA A 168 -3.98 10.53 0.36
CA ALA A 168 -3.62 11.75 1.11
C ALA A 168 -2.26 12.30 0.69
N MET A 169 -1.28 11.42 0.49
CA MET A 169 0.07 11.81 0.10
C MET A 169 0.13 12.44 -1.29
N HIS A 170 -0.56 11.81 -2.26
CA HIS A 170 -0.56 12.30 -3.64
C HIS A 170 -1.31 13.62 -3.83
N LEU A 171 -2.39 13.81 -3.06
CA LEU A 171 -3.10 15.11 -3.02
C LEU A 171 -2.27 16.18 -2.32
N ALA A 172 -1.51 15.78 -1.30
CA ALA A 172 -0.62 16.69 -0.57
C ALA A 172 0.58 17.18 -1.40
N GLY A 173 0.91 16.48 -2.48
CA GLY A 173 2.05 16.82 -3.35
C GLY A 173 3.11 15.73 -3.35
N VAL A 174 3.06 14.84 -2.35
CA VAL A 174 3.99 13.72 -2.24
C VAL A 174 3.52 12.63 -3.21
N THR A 175 3.86 12.80 -4.48
CA THR A 175 3.42 11.89 -5.55
C THR A 175 4.35 10.68 -5.73
N THR A 176 5.31 10.51 -4.82
CA THR A 176 6.16 9.31 -4.78
C THR A 176 5.63 8.21 -3.85
N ALA A 177 4.44 8.43 -3.27
CA ALA A 177 3.89 7.53 -2.24
C ALA A 177 3.29 6.26 -2.86
N VAL A 178 3.57 5.12 -2.20
CA VAL A 178 2.99 3.81 -2.58
C VAL A 178 2.66 3.00 -1.31
N ALA A 179 1.87 1.94 -1.47
CA ALA A 179 1.41 1.14 -0.33
C ALA A 179 1.75 -0.35 -0.44
N SER A 180 1.86 -0.98 0.72
CA SER A 180 2.15 -2.43 0.85
C SER A 180 1.04 -3.30 0.26
N CYS A 181 -0.21 -2.85 0.39
CA CYS A 181 -1.36 -3.37 -0.35
C CYS A 181 -1.87 -4.74 0.14
N GLY A 182 -2.42 -4.73 1.36
CA GLY A 182 -3.05 -5.92 1.93
C GLY A 182 -2.12 -7.05 2.35
N THR A 183 -0.86 -6.72 2.64
CA THR A 183 0.14 -7.72 3.05
C THR A 183 1.39 -7.04 3.63
N ALA A 184 2.33 -7.85 4.10
CA ALA A 184 3.62 -7.35 4.58
C ALA A 184 4.47 -6.88 3.41
N PHE A 185 5.22 -5.81 3.64
CA PHE A 185 6.10 -5.21 2.64
C PHE A 185 7.52 -5.75 2.86
N GLY A 186 8.19 -6.10 1.77
CA GLY A 186 9.55 -6.66 1.81
C GLY A 186 9.78 -7.63 0.67
N GLY A 187 11.02 -7.66 0.17
CA GLY A 187 11.43 -8.61 -0.88
C GLY A 187 11.25 -8.11 -2.30
N GLU A 188 10.04 -8.24 -2.82
CA GLU A 188 9.76 -8.06 -4.25
C GLU A 188 9.37 -6.63 -4.62
N HIS A 189 8.80 -5.89 -3.66
CA HIS A 189 8.51 -4.47 -3.84
C HIS A 189 9.82 -3.68 -3.86
N LEU A 190 10.73 -4.02 -2.95
CA LEU A 190 12.05 -3.39 -2.88
C LEU A 190 12.79 -3.55 -4.20
N ALA A 191 12.76 -4.76 -4.76
CA ALA A 191 13.34 -5.06 -6.06
C ALA A 191 12.74 -4.17 -7.16
N MET A 192 11.42 -4.04 -7.14
CA MET A 192 10.70 -3.22 -8.12
C MET A 192 10.97 -1.73 -7.93
N LEU A 193 11.01 -1.27 -6.68
CA LEU A 193 11.32 0.14 -6.39
C LEU A 193 12.77 0.47 -6.68
N ARG A 194 13.69 -0.39 -6.23
CA ARG A 194 15.13 -0.25 -6.56
C ARG A 194 15.33 -0.11 -8.06
N ARG A 195 14.75 -1.04 -8.81
CA ARG A 195 14.79 -1.07 -10.27
C ARG A 195 14.33 0.23 -10.94
N LEU A 196 13.29 0.86 -10.39
CA LEU A 196 12.79 2.15 -10.91
C LEU A 196 13.69 3.34 -10.59
N MET A 197 14.33 3.33 -9.42
CA MET A 197 15.20 4.43 -8.99
C MET A 197 16.64 4.30 -9.52
N MET A 198 16.94 3.22 -10.24
CA MET A 198 18.28 3.01 -10.75
C MET A 198 18.57 3.90 -11.95
N ASP A 199 19.55 4.79 -11.76
CA ASP A 199 20.32 5.35 -12.87
C ASP A 199 20.90 4.19 -13.67
N ASP A 200 21.57 4.51 -14.76
CA ASP A 200 22.39 3.53 -15.45
C ASP A 200 23.34 2.89 -14.43
N SER A 201 23.17 1.58 -14.19
CA SER A 201 24.18 0.69 -13.56
C SER A 201 24.29 0.71 -12.02
N PHE A 202 24.14 1.88 -11.37
CA PHE A 202 24.34 2.01 -9.93
C PHE A 202 23.12 2.58 -9.22
N PHE A 203 22.97 2.23 -7.95
CA PHE A 203 21.83 2.67 -7.15
C PHE A 203 22.14 3.95 -6.39
N ARG A 204 21.30 4.96 -6.60
CA ARG A 204 21.46 6.29 -6.02
C ARG A 204 20.40 6.64 -4.97
N GLY A 205 19.13 6.35 -5.28
CA GLY A 205 18.00 6.84 -4.50
C GLY A 205 17.81 6.29 -3.10
N GLU A 206 16.70 6.70 -2.47
CA GLU A 206 16.40 6.34 -1.07
C GLU A 206 14.92 6.03 -0.85
N LEU A 207 14.64 5.26 0.19
CA LEU A 207 13.31 4.72 0.47
C LEU A 207 12.83 5.19 1.84
N ILE A 208 11.66 5.82 1.88
CA ILE A 208 11.15 6.45 3.11
C ILE A 208 9.90 5.72 3.60
N TYR A 209 10.01 5.01 4.72
CA TYR A 209 8.86 4.37 5.36
C TYR A 209 8.18 5.37 6.28
N VAL A 210 6.84 5.44 6.18
CA VAL A 210 6.05 6.31 7.05
C VAL A 210 5.07 5.43 7.82
N PHE A 211 5.41 5.14 9.07
CA PHE A 211 4.57 4.33 9.95
C PHE A 211 3.63 5.23 10.75
N ASP A 212 2.49 4.68 11.16
CA ASP A 212 1.57 5.39 12.06
C ASP A 212 2.11 5.44 13.49
N GLY A 213 1.64 6.39 14.27
CA GLY A 213 2.05 6.56 15.66
C GLY A 213 1.47 5.47 16.54
N ASP A 214 2.23 4.38 16.70
CA ASP A 214 1.75 3.17 17.37
C ASP A 214 2.95 2.36 17.92
N GLU A 215 2.65 1.34 18.73
CA GLU A 215 3.65 0.33 19.11
C GLU A 215 4.11 -0.49 17.90
N ALA A 216 3.24 -0.62 16.90
CA ALA A 216 3.58 -1.24 15.61
C ALA A 216 4.67 -0.48 14.83
N GLY A 217 4.86 0.81 15.11
CA GLY A 217 5.94 1.61 14.54
C GLY A 217 7.32 1.02 14.75
N ARG A 218 7.63 0.62 15.98
CA ARG A 218 8.88 -0.07 16.29
C ARG A 218 8.84 -1.55 15.91
N ALA A 219 7.69 -2.20 16.16
CA ALA A 219 7.51 -3.63 15.85
C ALA A 219 7.46 -3.96 14.34
N ALA A 220 7.27 -2.94 13.50
CA ALA A 220 7.48 -3.07 12.05
C ALA A 220 8.94 -2.79 11.68
N ALA A 221 9.54 -1.81 12.36
CA ALA A 221 10.93 -1.40 12.10
C ALA A 221 12.00 -2.45 12.41
N LEU A 222 11.72 -3.41 13.30
CA LEU A 222 12.68 -4.48 13.63
C LEU A 222 12.85 -5.49 12.48
N LYS A 223 11.86 -5.54 11.57
CA LYS A 223 11.95 -6.34 10.33
C LYS A 223 13.09 -5.90 9.40
N ALA A 224 13.51 -4.64 9.51
CA ALA A 224 14.67 -4.09 8.78
C ALA A 224 15.93 -4.96 8.90
N PHE A 225 16.24 -5.38 10.13
CA PHE A 225 17.42 -6.22 10.39
C PHE A 225 17.28 -7.65 9.88
N ASP A 226 16.05 -8.16 9.85
CA ASP A 226 15.76 -9.48 9.28
C ASP A 226 15.90 -9.42 7.75
N GLY A 227 17.14 -9.52 7.27
CA GLY A 227 17.46 -9.38 5.85
C GLY A 227 17.47 -7.93 5.40
N GLU A 228 18.66 -7.40 5.13
CA GLU A 228 18.82 -6.00 4.72
C GLU A 228 18.61 -5.79 3.21
N GLN A 229 19.18 -6.69 2.40
CA GLN A 229 19.19 -6.59 0.92
C GLN A 229 19.85 -5.29 0.43
N LYS A 230 20.93 -4.89 1.11
CA LYS A 230 21.69 -3.64 0.87
C LYS A 230 20.88 -2.36 0.60
N LEU A 231 19.65 -2.30 1.14
CA LEU A 231 18.75 -1.15 1.01
C LEU A 231 18.43 -0.44 2.33
N ALA A 232 18.69 -1.11 3.46
CA ALA A 232 18.51 -0.51 4.78
C ALA A 232 19.46 0.66 5.04
N GLY A 233 20.60 0.69 4.34
CA GLY A 233 21.49 1.85 4.35
C GLY A 233 20.90 3.09 3.70
N GLN A 234 20.10 2.88 2.64
CA GLN A 234 19.39 3.97 1.95
C GLN A 234 17.92 4.13 2.41
N SER A 235 17.44 3.26 3.31
CA SER A 235 16.09 3.37 3.85
C SER A 235 16.02 4.37 5.02
N PHE A 236 14.90 5.08 5.12
CA PHE A 236 14.66 6.07 6.17
C PHE A 236 13.29 5.86 6.80
N VAL A 237 13.06 6.48 7.95
CA VAL A 237 11.81 6.36 8.70
C VAL A 237 11.29 7.73 9.12
N ALA A 238 10.00 7.97 8.85
CA ALA A 238 9.28 9.13 9.37
C ALA A 238 8.12 8.62 10.22
N VAL A 239 7.77 9.38 11.26
CA VAL A 239 6.67 9.01 12.16
C VAL A 239 5.85 10.25 12.52
N ALA A 240 4.54 10.18 12.32
CA ALA A 240 3.64 11.29 12.59
C ALA A 240 3.38 11.43 14.09
N PRO A 241 2.91 12.62 14.53
CA PRO A 241 2.49 12.82 15.93
C PRO A 241 1.56 11.70 16.43
N ASP A 242 1.88 11.16 17.61
CA ASP A 242 1.31 9.89 18.11
C ASP A 242 -0.21 9.78 17.95
N GLY A 243 -0.66 8.59 17.54
CA GLY A 243 -2.07 8.32 17.25
C GLY A 243 -2.47 8.44 15.78
N MET A 244 -1.70 9.20 15.00
CA MET A 244 -2.11 9.60 13.65
C MET A 244 -1.37 8.85 12.54
N ASP A 245 -2.07 8.63 11.42
CA ASP A 245 -1.48 8.13 10.18
C ASP A 245 -1.58 9.25 9.12
N PRO A 246 -0.90 9.11 7.97
CA PRO A 246 -0.90 10.19 6.96
C PRO A 246 -2.26 10.76 6.56
N CYS A 247 -3.27 9.91 6.45
CA CYS A 247 -4.63 10.36 6.09
C CYS A 247 -5.22 11.29 7.16
N ASP A 248 -5.08 10.89 8.42
CA ASP A 248 -5.53 11.73 9.56
C ASP A 248 -4.70 13.00 9.70
N LEU A 249 -3.40 12.91 9.42
CA LEU A 249 -2.50 14.07 9.54
C LEU A 249 -2.92 15.19 8.57
N ARG A 250 -3.27 14.81 7.34
CA ARG A 250 -3.76 15.76 6.33
C ARG A 250 -5.09 16.41 6.72
N LEU A 251 -5.95 15.66 7.42
CA LEU A 251 -7.21 16.20 7.94
C LEU A 251 -6.98 17.27 8.99
N LYS A 252 -6.20 16.93 10.02
CA LYS A 252 -5.95 17.83 11.15
C LYS A 252 -5.03 19.01 10.76
N CYS A 253 -3.86 18.70 10.22
CA CYS A 253 -2.80 19.70 9.99
C CYS A 253 -2.57 20.12 8.54
N GLY A 254 -3.33 19.57 7.59
CA GLY A 254 -3.27 20.00 6.20
C GLY A 254 -2.20 19.34 5.34
N ASP A 255 -2.19 19.72 4.06
CA ASP A 255 -1.33 19.11 3.04
C ASP A 255 0.17 19.36 3.25
N ALA A 256 0.52 20.57 3.71
CA ALA A 256 1.92 20.94 3.95
C ALA A 256 2.58 20.14 5.08
N ALA A 257 1.78 19.75 6.08
CA ALA A 257 2.26 18.92 7.19
C ALA A 257 2.75 17.54 6.76
N LEU A 258 2.16 16.99 5.69
CA LEU A 258 2.59 15.70 5.13
C LEU A 258 3.93 15.80 4.38
N ARG A 259 4.13 16.89 3.64
CA ARG A 259 5.40 17.11 2.93
C ARG A 259 6.56 17.26 3.92
N ASP A 260 6.29 17.95 5.03
CA ASP A 260 7.27 18.14 6.10
C ASP A 260 7.57 16.83 6.83
N LEU A 261 6.56 15.99 7.02
CA LEU A 261 6.75 14.65 7.63
C LEU A 261 7.77 13.81 6.87
N VAL A 262 7.68 13.84 5.53
CA VAL A 262 8.59 13.11 4.65
C VAL A 262 10.02 13.69 4.72
N ALA A 263 10.10 15.02 4.85
CA ALA A 263 11.39 15.71 5.00
C ALA A 263 12.08 15.41 6.34
N ARG A 264 11.30 15.34 7.42
CA ARG A 264 11.82 15.05 8.75
C ARG A 264 11.97 13.54 8.95
N ARG A 265 12.98 12.97 8.29
CA ARG A 265 13.19 11.52 8.29
C ARG A 265 14.49 11.13 8.99
N THR A 266 14.45 10.01 9.70
CA THR A 266 15.60 9.45 10.41
C THR A 266 16.07 8.21 9.64
N PRO A 267 17.39 7.95 9.59
CA PRO A 267 17.86 6.69 8.98
C PRO A 267 17.30 5.44 9.66
N LEU A 268 17.01 4.41 8.87
CA LEU A 268 16.29 3.22 9.34
C LEU A 268 17.00 2.49 10.49
N PHE A 269 18.33 2.39 10.42
CA PHE A 269 19.11 1.76 11.49
C PHE A 269 19.03 2.59 12.76
N GLU A 270 19.33 3.89 12.66
CA GLU A 270 19.25 4.82 13.79
C GLU A 270 17.89 4.78 14.50
N PHE A 271 16.82 4.73 13.73
CA PHE A 271 15.47 4.66 14.29
C PHE A 271 15.23 3.35 15.04
N ALA A 272 15.53 2.23 14.39
CA ALA A 272 15.30 0.90 14.96
C ALA A 272 16.13 0.64 16.22
N ILE A 273 17.34 1.17 16.25
CA ILE A 273 18.22 1.05 17.42
C ILE A 273 17.76 1.98 18.55
N ARG A 274 17.70 3.28 18.29
CA ARG A 274 17.33 4.27 19.33
C ARG A 274 15.94 4.05 19.93
N ALA A 275 15.00 3.54 19.13
CA ALA A 275 13.68 3.14 19.63
C ALA A 275 13.77 1.91 20.53
N ALA A 276 14.62 0.95 20.15
CA ALA A 276 14.89 -0.23 20.98
C ALA A 276 15.54 0.12 22.32
N ILE A 277 16.36 1.17 22.34
CA ILE A 277 16.96 1.69 23.57
C ILE A 277 15.95 2.52 24.38
N ALA A 278 15.16 3.34 23.70
CA ALA A 278 14.22 4.27 24.34
C ALA A 278 13.19 3.56 25.23
N GLU A 279 12.39 2.69 24.63
CA GLU A 279 11.40 1.91 25.36
C GLU A 279 12.11 0.75 26.10
N MET A 280 12.62 1.06 27.29
CA MET A 280 13.37 0.11 28.09
C MET A 280 13.40 0.50 29.58
N GLY A 287 18.04 -4.02 33.36
CA GLY A 287 17.88 -3.18 32.16
C GLY A 287 19.07 -3.27 31.22
N ARG A 288 20.23 -2.84 31.71
CA ARG A 288 21.49 -2.89 30.93
C ARG A 288 21.96 -4.31 30.57
N VAL A 289 21.49 -5.33 31.30
CA VAL A 289 21.79 -6.73 30.98
C VAL A 289 21.04 -7.14 29.70
N ALA A 290 19.73 -6.94 29.70
CA ALA A 290 18.88 -7.27 28.54
C ALA A 290 19.05 -6.31 27.37
N ALA A 291 19.51 -5.09 27.62
CA ALA A 291 19.68 -4.07 26.59
C ALA A 291 20.82 -4.40 25.64
N LEU A 292 22.01 -4.58 26.20
CA LEU A 292 23.21 -4.93 25.43
C LEU A 292 23.13 -6.33 24.79
N ARG A 293 22.28 -7.20 25.34
CA ARG A 293 21.94 -8.48 24.70
C ARG A 293 21.13 -8.27 23.42
N ARG A 294 20.12 -7.40 23.49
CA ARG A 294 19.18 -7.20 22.38
C ARG A 294 19.71 -6.36 21.21
N CYS A 295 20.60 -5.41 21.50
CA CYS A 295 21.02 -4.40 20.50
C CYS A 295 22.32 -4.71 19.73
N VAL A 296 23.24 -5.49 20.31
CA VAL A 296 24.51 -5.81 19.61
C VAL A 296 24.39 -6.77 18.42
N PRO A 297 23.37 -7.68 18.40
CA PRO A 297 23.12 -8.44 17.16
C PRO A 297 22.59 -7.56 16.01
N MET A 298 21.76 -6.58 16.35
CA MET A 298 21.22 -5.63 15.37
C MET A 298 22.32 -4.84 14.66
N VAL A 299 23.31 -4.39 15.41
CA VAL A 299 24.43 -3.59 14.87
C VAL A 299 25.38 -4.47 14.07
N GLY A 300 25.64 -5.68 14.57
CA GLY A 300 26.51 -6.65 13.90
C GLY A 300 26.04 -7.12 12.54
N GLN A 301 24.72 -7.19 12.34
CA GLN A 301 24.13 -7.58 11.06
C GLN A 301 24.29 -6.55 9.92
N ILE A 302 24.72 -5.33 10.25
CA ILE A 302 25.02 -4.31 9.24
C ILE A 302 26.24 -4.79 8.43
N LYS A 303 26.02 -5.07 7.14
CA LYS A 303 27.04 -5.68 6.28
C LYS A 303 28.16 -4.72 5.88
N ASP A 304 27.84 -3.44 5.69
CA ASP A 304 28.85 -2.41 5.37
C ASP A 304 29.70 -2.14 6.61
N PRO A 305 31.05 -2.20 6.46
CA PRO A 305 31.93 -2.00 7.63
C PRO A 305 32.00 -0.54 8.11
N THR A 306 32.03 0.41 7.18
CA THR A 306 32.13 1.84 7.51
C THR A 306 30.86 2.35 8.18
N LEU A 307 29.69 1.94 7.67
CA LEU A 307 28.39 2.31 8.23
C LEU A 307 28.16 1.67 9.61
N ARG A 308 28.68 0.46 9.80
CA ARG A 308 28.60 -0.25 11.08
C ARG A 308 29.39 0.48 12.19
N ASP A 309 30.58 0.97 11.85
CA ASP A 309 31.42 1.74 12.79
C ASP A 309 30.76 3.05 13.26
N GLU A 310 30.02 3.71 12.37
CA GLU A 310 29.30 4.95 12.70
C GLU A 310 28.26 4.73 13.79
N TYR A 311 27.42 3.72 13.59
CA TYR A 311 26.38 3.38 14.58
C TYR A 311 26.95 2.73 15.84
N ALA A 312 28.03 1.95 15.69
CA ALA A 312 28.72 1.31 16.83
C ALA A 312 29.22 2.29 17.90
N ARG A 313 29.51 3.53 17.50
CA ARG A 313 29.87 4.60 18.44
C ARG A 313 28.76 4.90 19.45
N GLN A 314 27.55 5.15 18.95
CA GLN A 314 26.43 5.61 19.78
C GLN A 314 25.78 4.53 20.67
N LEU A 315 26.23 3.27 20.57
CA LEU A 315 25.78 2.21 21.50
C LEU A 315 26.19 2.51 22.95
N ALA A 316 27.39 3.06 23.14
CA ALA A 316 27.86 3.52 24.44
C ALA A 316 27.06 4.75 24.92
N GLY A 317 26.81 5.70 24.01
CA GLY A 317 26.04 6.91 24.32
C GLY A 317 24.58 6.63 24.63
N TRP A 318 23.93 5.90 23.73
CA TRP A 318 22.54 5.49 23.89
C TRP A 318 22.44 4.20 24.70
S SO4 B . -11.96 -16.49 0.20
O1 SO4 B . -13.14 -15.98 0.94
O2 SO4 B . -11.89 -17.96 0.32
O3 SO4 B . -12.07 -16.12 -1.22
O4 SO4 B . -10.74 -15.89 0.76
S SO4 C . -9.34 3.08 7.97
O1 SO4 C . -9.79 2.93 9.37
O2 SO4 C . -10.45 2.78 7.05
O3 SO4 C . -8.89 4.48 7.75
O4 SO4 C . -8.23 2.13 7.69
#